data_5YV8
#
_entry.id   5YV8
#
_cell.length_a   66.493
_cell.length_b   76.969
_cell.length_c   83.895
_cell.angle_alpha   90.00
_cell.angle_beta   90.00
_cell.angle_gamma   90.00
#
_symmetry.space_group_name_H-M   'P 21 21 21'
#
loop_
_entity.id
_entity.type
_entity.pdbx_description
1 polymer 'Calcium/calmodulin-dependent protein kinase kinase 2'
2 non-polymer '1-amino-4-hydroxy-9,10-dioxo-9,10-dihydroanthracene-2-carboxylic acid'
3 non-polymer GLYCEROL
4 non-polymer 'CHLORIDE ION'
5 water water
#
_entity_poly.entity_id   1
_entity_poly.type   'polypeptide(L)'
_entity_poly.pdbx_seq_one_letter_code
;GSSGSSGDCVQLNQYTLKDEIGKGSYGVVKLAYNENDNTYYAMKVLSKKKLIRQAGFPRRPPPRGTRPAPGGCIQPRGPI
EQVYQEIAILKKLDHPNVVKLVEVLDDPNEDHLYMVFELVNQGPVMEVPTLKPLSEDQARFYFQDLIKGIEYLHYQKIIH
RDIKPSNLLVGEDGHIKIADFGVSNEFKGSDALLSNTVGTPAFMAPESLSETRKIFSGKALDVWAMGVTLYCFVFGQCPF
MDERIM(CAS)LHSKIKSQALEFPDQPDIAEDLKDLITRMLDKNPESRIVVPEIKLHPWVTR
;
_entity_poly.pdbx_strand_id   A
#
# COMPACT_ATOMS: atom_id res chain seq x y z
N VAL A 10 23.98 1.75 18.01
CA VAL A 10 22.88 1.00 18.61
C VAL A 10 22.96 -0.47 18.18
N GLN A 11 23.05 -1.37 19.16
CA GLN A 11 23.18 -2.80 18.92
C GLN A 11 21.95 -3.53 19.45
N LEU A 12 21.47 -4.50 18.67
CA LEU A 12 20.29 -5.30 19.01
C LEU A 12 20.58 -6.75 18.66
N ASN A 13 21.18 -7.46 19.62
CA ASN A 13 21.64 -8.83 19.39
C ASN A 13 22.60 -8.78 18.21
N GLN A 14 22.34 -9.49 17.12
CA GLN A 14 23.26 -9.52 16.00
C GLN A 14 23.06 -8.36 15.02
N TYR A 15 22.09 -7.48 15.26
CA TYR A 15 21.81 -6.38 14.35
C TYR A 15 22.42 -5.09 14.88
N THR A 16 23.08 -4.34 14.00
CA THR A 16 23.55 -2.99 14.28
C THR A 16 22.63 -2.03 13.54
N LEU A 17 21.97 -1.15 14.28
CA LEU A 17 21.02 -0.21 13.68
C LEU A 17 21.77 0.96 13.05
N LYS A 18 21.43 1.27 11.80
CA LYS A 18 22.04 2.38 11.08
C LYS A 18 20.96 3.46 10.85
N ASP A 19 21.06 4.16 9.73
CA ASP A 19 20.23 5.35 9.57
C ASP A 19 18.81 4.99 9.13
N GLU A 20 17.90 5.95 9.35
CA GLU A 20 16.51 5.77 8.95
C GLU A 20 16.38 5.71 7.43
N ILE A 21 15.58 4.76 6.95
CA ILE A 21 15.29 4.64 5.53
C ILE A 21 13.81 4.80 5.23
N GLY A 22 12.93 4.69 6.21
CA GLY A 22 11.51 4.84 6.00
C GLY A 22 10.88 5.29 7.30
N LYS A 23 9.67 5.82 7.20
CA LYS A 23 9.03 6.44 8.35
C LYS A 23 7.53 6.50 8.11
N GLY A 24 6.77 6.38 9.19
CA GLY A 24 5.34 6.46 9.09
C GLY A 24 4.70 6.57 10.46
N SER A 25 3.39 6.29 10.50
CA SER A 25 2.66 6.33 11.77
C SER A 25 3.16 5.27 12.73
N TYR A 26 3.58 4.12 12.22
CA TYR A 26 4.07 3.03 13.05
C TYR A 26 5.29 3.44 13.87
N GLY A 27 6.13 4.31 13.32
CA GLY A 27 7.43 4.60 13.90
C GLY A 27 8.44 4.88 12.82
N VAL A 28 9.55 4.14 12.79
CA VAL A 28 10.58 4.30 11.77
C VAL A 28 11.06 2.94 11.29
N VAL A 29 11.59 2.93 10.07
CA VAL A 29 12.32 1.79 9.52
C VAL A 29 13.75 2.25 9.33
N LYS A 30 14.70 1.47 9.85
CA LYS A 30 16.11 1.78 9.76
C LYS A 30 16.84 0.69 8.99
N LEU A 31 17.93 1.08 8.30
CA LEU A 31 18.85 0.09 7.79
C LEU A 31 19.50 -0.61 8.96
N ALA A 32 19.63 -1.93 8.86
CA ALA A 32 20.25 -2.72 9.91
C ALA A 32 21.26 -3.67 9.31
N TYR A 33 22.41 -3.78 9.97
CA TYR A 33 23.48 -4.65 9.54
C TYR A 33 23.51 -5.90 10.43
N ASN A 34 23.32 -7.06 9.81
CA ASN A 34 23.36 -8.33 10.53
C ASN A 34 24.79 -8.86 10.50
N GLU A 35 25.44 -8.91 11.67
CA GLU A 35 26.81 -9.40 11.73
C GLU A 35 26.89 -10.92 11.59
N ASN A 36 25.79 -11.64 11.80
CA ASN A 36 25.82 -13.09 11.63
C ASN A 36 26.02 -13.47 10.18
N ASP A 37 25.34 -12.77 9.26
CA ASP A 37 25.48 -13.08 7.83
C ASP A 37 26.01 -11.91 7.01
N ASN A 38 26.54 -10.86 7.65
CA ASN A 38 27.20 -9.76 6.94
C ASN A 38 26.27 -9.12 5.90
N THR A 39 24.98 -8.97 6.24
CA THR A 39 23.96 -8.58 5.29
C THR A 39 23.09 -7.46 5.87
N TYR A 40 22.61 -6.57 4.99
CA TYR A 40 21.68 -5.51 5.35
C TYR A 40 20.25 -6.01 5.34
N TYR A 41 19.48 -5.58 6.35
CA TYR A 41 18.05 -5.80 6.42
C TYR A 41 17.36 -4.47 6.67
N ALA A 42 16.04 -4.47 6.58
CA ALA A 42 15.21 -3.34 6.99
C ALA A 42 14.63 -3.61 8.37
N MET A 43 14.81 -2.68 9.30
CA MET A 43 14.36 -2.88 10.67
C MET A 43 13.28 -1.86 11.01
N LYS A 44 12.06 -2.35 11.23
CA LYS A 44 10.95 -1.51 11.62
C LYS A 44 10.90 -1.44 13.14
N VAL A 45 10.94 -0.23 13.68
CA VAL A 45 11.03 0.02 15.12
C VAL A 45 9.72 0.62 15.58
N LEU A 46 9.02 -0.09 16.46
CA LEU A 46 7.73 0.34 16.96
C LEU A 46 7.80 0.53 18.47
N SER A 47 7.17 1.60 18.96
CA SER A 47 7.07 1.87 20.39
C SER A 47 5.65 1.57 20.86
N LYS A 48 5.56 0.99 22.07
CA LYS A 48 4.27 0.57 22.62
C LYS A 48 3.55 1.78 23.23
N LYS A 49 3.00 2.60 22.32
CA LYS A 49 2.29 3.82 22.71
C LYS A 49 1.09 4.07 21.80
N PRO A 79 -3.96 -0.54 20.23
CA PRO A 79 -2.62 -0.07 20.61
C PRO A 79 -1.51 -1.01 20.16
N ILE A 80 -1.16 -1.98 21.03
CA ILE A 80 -0.09 -2.92 20.72
C ILE A 80 -0.61 -4.16 19.98
N GLU A 81 -1.90 -4.47 20.10
CA GLU A 81 -2.41 -5.69 19.48
C GLU A 81 -2.49 -5.58 17.96
N GLN A 82 -2.71 -4.37 17.43
CA GLN A 82 -2.66 -4.19 15.99
C GLN A 82 -1.30 -4.56 15.42
N VAL A 83 -0.25 -4.43 16.23
CA VAL A 83 1.09 -4.80 15.78
C VAL A 83 1.19 -6.31 15.56
N TYR A 84 0.64 -7.10 16.47
CA TYR A 84 0.75 -8.54 16.32
C TYR A 84 -0.20 -9.09 15.28
N GLN A 85 -1.27 -8.38 14.94
CA GLN A 85 -2.04 -8.76 13.76
C GLN A 85 -1.23 -8.55 12.49
N GLU A 86 -0.49 -7.44 12.41
CA GLU A 86 0.40 -7.23 11.28
C GLU A 86 1.42 -8.35 11.19
N ILE A 87 2.00 -8.75 12.32
CA ILE A 87 2.98 -9.83 12.34
C ILE A 87 2.33 -11.14 11.90
N ALA A 88 1.14 -11.45 12.45
CA ALA A 88 0.46 -12.67 12.08
C ALA A 88 0.17 -12.73 10.58
N ILE A 89 -0.23 -11.59 10.00
CA ILE A 89 -0.49 -11.57 8.56
C ILE A 89 0.80 -11.77 7.77
N LEU A 90 1.87 -11.07 8.18
CA LEU A 90 3.11 -11.13 7.42
C LEU A 90 3.68 -12.54 7.38
N LYS A 91 3.53 -13.29 8.49
CA LYS A 91 4.06 -14.65 8.55
C LYS A 91 3.42 -15.56 7.51
N LYS A 92 2.20 -15.25 7.08
CA LYS A 92 1.49 -16.06 6.11
C LYS A 92 1.83 -15.73 4.67
N LEU A 93 2.59 -14.67 4.41
CA LEU A 93 2.77 -14.15 3.06
C LEU A 93 4.13 -14.52 2.52
N ASP A 94 4.16 -15.07 1.30
CA ASP A 94 5.41 -15.42 0.63
C ASP A 94 5.16 -15.26 -0.87
N HIS A 95 5.59 -14.14 -1.43
CA HIS A 95 5.29 -13.81 -2.82
C HIS A 95 6.29 -12.80 -3.30
N PRO A 96 6.71 -12.85 -4.57
CA PRO A 96 7.74 -11.90 -5.04
C PRO A 96 7.35 -10.45 -4.95
N ASN A 97 6.06 -10.12 -4.94
CA ASN A 97 5.62 -8.73 -4.92
C ASN A 97 5.09 -8.30 -3.55
N VAL A 98 5.53 -8.96 -2.49
CA VAL A 98 5.15 -8.63 -1.12
C VAL A 98 6.40 -8.65 -0.26
N VAL A 99 6.49 -7.74 0.72
CA VAL A 99 7.65 -7.73 1.61
C VAL A 99 7.74 -9.04 2.39
N LYS A 100 8.93 -9.32 2.91
CA LYS A 100 9.21 -10.59 3.59
C LYS A 100 9.70 -10.32 5.01
N LEU A 101 8.87 -10.65 5.99
CA LEU A 101 9.27 -10.55 7.38
C LEU A 101 10.22 -11.68 7.74
N VAL A 102 11.37 -11.33 8.32
CA VAL A 102 12.41 -12.30 8.66
C VAL A 102 12.30 -12.76 10.10
N GLU A 103 12.19 -11.82 11.04
CA GLU A 103 12.03 -12.21 12.44
C GLU A 103 11.55 -11.00 13.24
N VAL A 104 11.07 -11.28 14.44
CA VAL A 104 10.55 -10.27 15.36
C VAL A 104 11.35 -10.34 16.65
N LEU A 105 11.85 -9.19 17.10
CA LEU A 105 12.61 -9.10 18.35
C LEU A 105 11.72 -8.40 19.37
N ASP A 106 11.17 -9.17 20.31
CA ASP A 106 10.26 -8.66 21.31
C ASP A 106 10.80 -9.04 22.69
N ASP A 107 11.11 -8.03 23.50
CA ASP A 107 11.53 -8.21 24.87
C ASP A 107 10.57 -7.50 25.79
N PRO A 108 10.04 -8.16 26.83
CA PRO A 108 9.08 -7.49 27.72
C PRO A 108 9.68 -6.33 28.50
N ASN A 109 11.01 -6.28 28.66
CA ASN A 109 11.64 -5.25 29.45
C ASN A 109 11.82 -3.93 28.71
N GLU A 110 11.86 -3.97 27.37
CA GLU A 110 12.06 -2.77 26.57
C GLU A 110 10.74 -2.32 25.96
N ASP A 111 10.59 -1.00 25.81
CA ASP A 111 9.39 -0.41 25.25
C ASP A 111 9.30 -0.56 23.74
N HIS A 112 10.41 -0.90 23.08
CA HIS A 112 10.44 -0.99 21.64
C HIS A 112 10.29 -2.43 21.17
N LEU A 113 9.71 -2.58 19.98
CA LEU A 113 9.51 -3.86 19.32
C LEU A 113 10.06 -3.74 17.90
N TYR A 114 10.79 -4.77 17.46
CA TYR A 114 11.55 -4.72 16.21
C TYR A 114 11.08 -5.81 15.25
N MET A 115 10.78 -5.41 14.02
CA MET A 115 10.44 -6.32 12.94
C MET A 115 11.54 -6.22 11.90
N VAL A 116 12.18 -7.34 11.61
CA VAL A 116 13.27 -7.40 10.64
C VAL A 116 12.70 -7.89 9.31
N PHE A 117 12.84 -7.08 8.27
CA PHE A 117 12.42 -7.43 6.93
C PHE A 117 13.63 -7.59 6.02
N GLU A 118 13.47 -8.40 4.97
CA GLU A 118 14.44 -8.35 3.88
C GLU A 118 14.40 -6.97 3.26
N LEU A 119 15.57 -6.38 3.06
CA LEU A 119 15.63 -5.01 2.57
C LEU A 119 15.14 -4.92 1.14
N VAL A 120 14.29 -3.95 0.84
CA VAL A 120 13.86 -3.70 -0.54
C VAL A 120 14.63 -2.44 -0.95
N ASN A 121 15.79 -2.65 -1.59
CA ASN A 121 16.88 -1.68 -1.48
C ASN A 121 16.60 -0.34 -2.15
N GLN A 122 15.79 -0.32 -3.21
CA GLN A 122 15.63 0.93 -3.94
C GLN A 122 14.53 1.83 -3.37
N GLY A 123 13.78 1.35 -2.38
CA GLY A 123 12.85 2.21 -1.68
C GLY A 123 11.59 2.48 -2.47
N PRO A 124 10.80 3.45 -1.99
CA PRO A 124 9.48 3.68 -2.59
C PRO A 124 9.58 4.05 -4.06
N VAL A 125 8.62 3.55 -4.85
CA VAL A 125 8.65 3.75 -6.29
C VAL A 125 8.54 5.24 -6.63
N MET A 126 7.87 6.02 -5.80
CA MET A 126 7.82 7.45 -6.08
C MET A 126 7.35 8.15 -4.82
N GLU A 127 7.61 9.45 -4.77
CA GLU A 127 7.09 10.33 -3.75
C GLU A 127 5.92 11.12 -4.32
N VAL A 128 4.86 11.29 -3.52
CA VAL A 128 3.68 12.03 -3.92
C VAL A 128 3.53 13.20 -2.94
N PRO A 129 3.39 14.44 -3.42
CA PRO A 129 3.37 14.83 -4.83
C PRO A 129 4.75 14.97 -5.45
N THR A 130 4.81 14.96 -6.78
CA THR A 130 6.06 15.17 -7.49
C THR A 130 5.79 15.86 -8.82
N LEU A 131 6.77 16.64 -9.26
CA LEU A 131 6.70 17.27 -10.57
C LEU A 131 7.22 16.37 -11.67
N LYS A 132 7.79 15.21 -11.32
CA LYS A 132 8.32 14.26 -12.29
C LYS A 132 7.61 12.92 -12.09
N PRO A 133 6.42 12.78 -12.62
CA PRO A 133 5.70 11.50 -12.51
C PRO A 133 6.32 10.47 -13.45
N LEU A 134 5.82 9.24 -13.37
CA LEU A 134 6.29 8.16 -14.22
C LEU A 134 5.73 8.29 -15.62
N SER A 135 6.47 7.76 -16.59
CA SER A 135 5.90 7.59 -17.93
C SER A 135 4.82 6.52 -17.90
N GLU A 136 3.99 6.48 -18.94
CA GLU A 136 2.96 5.45 -19.01
C GLU A 136 3.57 4.06 -19.03
N ASP A 137 4.66 3.87 -19.79
CA ASP A 137 5.28 2.55 -19.84
C ASP A 137 5.85 2.15 -18.49
N GLN A 138 6.45 3.10 -17.78
CA GLN A 138 6.90 2.82 -16.42
C GLN A 138 5.72 2.53 -15.50
N ALA A 139 4.65 3.32 -15.59
CA ALA A 139 3.51 3.09 -14.72
C ALA A 139 2.90 1.71 -14.97
N ARG A 140 2.85 1.30 -16.24
CA ARG A 140 2.30 -0.02 -16.55
C ARG A 140 3.16 -1.14 -15.97
N PHE A 141 4.49 -1.02 -16.11
CA PHE A 141 5.40 -2.00 -15.54
C PHE A 141 5.14 -2.19 -14.06
N TYR A 142 5.09 -1.09 -13.30
CA TYR A 142 4.88 -1.22 -11.86
C TYR A 142 3.45 -1.65 -11.54
N PHE A 143 2.48 -1.14 -12.31
CA PHE A 143 1.10 -1.52 -12.05
C PHE A 143 0.89 -3.01 -12.25
N GLN A 144 1.63 -3.61 -13.20
CA GLN A 144 1.52 -5.05 -13.39
C GLN A 144 1.98 -5.80 -12.15
N ASP A 145 3.06 -5.34 -11.52
CA ASP A 145 3.48 -5.92 -10.24
C ASP A 145 2.42 -5.73 -9.16
N LEU A 146 1.82 -4.55 -9.10
CA LEU A 146 0.79 -4.29 -8.08
C LEU A 146 -0.40 -5.23 -8.25
N ILE A 147 -0.82 -5.44 -9.51
CA ILE A 147 -1.89 -6.41 -9.77
C ILE A 147 -1.54 -7.77 -9.19
N LYS A 148 -0.36 -8.29 -9.54
CA LYS A 148 0.01 -9.63 -9.07
C LYS A 148 0.04 -9.70 -7.55
N GLY A 149 0.60 -8.68 -6.90
CA GLY A 149 0.66 -8.68 -5.45
C GLY A 149 -0.71 -8.63 -4.80
N ILE A 150 -1.59 -7.77 -5.31
CA ILE A 150 -2.95 -7.67 -4.75
C ILE A 150 -3.74 -8.95 -4.99
N GLU A 151 -3.61 -9.54 -6.17
CA GLU A 151 -4.27 -10.80 -6.44
C GLU A 151 -3.85 -11.88 -5.44
N TYR A 152 -2.54 -11.96 -5.17
CA TYR A 152 -2.05 -12.92 -4.19
C TYR A 152 -2.61 -12.61 -2.80
N LEU A 153 -2.56 -11.34 -2.39
CA LEU A 153 -3.07 -10.97 -1.06
C LEU A 153 -4.53 -11.34 -0.92
N HIS A 154 -5.35 -11.01 -1.92
CA HIS A 154 -6.77 -11.28 -1.83
C HIS A 154 -7.03 -12.78 -1.84
N TYR A 155 -6.22 -13.53 -2.58
CA TYR A 155 -6.34 -14.99 -2.56
C TYR A 155 -6.01 -15.54 -1.18
N GLN A 156 -5.01 -14.97 -0.53
CA GLN A 156 -4.63 -15.31 0.84
C GLN A 156 -5.56 -14.68 1.88
N LYS A 157 -6.63 -14.02 1.43
CA LYS A 157 -7.70 -13.49 2.28
C LYS A 157 -7.20 -12.32 3.14
N ILE A 158 -6.40 -11.46 2.55
CA ILE A 158 -5.89 -10.25 3.19
C ILE A 158 -6.37 -9.06 2.37
N ILE A 159 -6.93 -8.06 3.05
CA ILE A 159 -7.17 -6.74 2.46
C ILE A 159 -6.04 -5.85 2.97
N HIS A 160 -5.34 -5.18 2.05
CA HIS A 160 -4.15 -4.44 2.47
C HIS A 160 -4.51 -3.16 3.21
N ARG A 161 -5.44 -2.38 2.65
CA ARG A 161 -6.02 -1.15 3.19
C ARG A 161 -5.08 0.06 3.24
N ASP A 162 -3.85 -0.04 2.74
CA ASP A 162 -3.01 1.16 2.69
C ASP A 162 -2.14 1.14 1.44
N ILE A 163 -2.73 0.76 0.31
CA ILE A 163 -2.00 0.81 -0.96
C ILE A 163 -1.83 2.26 -1.37
N LYS A 164 -0.59 2.65 -1.66
CA LYS A 164 -0.21 3.97 -2.12
C LYS A 164 1.23 3.89 -2.59
N PRO A 165 1.68 4.82 -3.45
CA PRO A 165 3.03 4.68 -4.01
C PRO A 165 4.12 4.56 -2.96
N SER A 166 4.00 5.26 -1.83
CA SER A 166 5.06 5.17 -0.83
C SER A 166 5.10 3.82 -0.13
N ASN A 167 4.08 2.98 -0.29
CA ASN A 167 4.10 1.62 0.24
C ASN A 167 4.43 0.60 -0.83
N LEU A 168 4.93 1.04 -1.98
CA LEU A 168 5.33 0.15 -3.06
C LEU A 168 6.83 0.32 -3.23
N LEU A 169 7.59 -0.68 -2.78
CA LEU A 169 9.03 -0.57 -2.69
C LEU A 169 9.67 -1.30 -3.86
N VAL A 170 10.72 -0.72 -4.42
CA VAL A 170 11.40 -1.24 -5.59
C VAL A 170 12.58 -2.09 -5.14
N GLY A 171 12.59 -3.36 -5.54
CA GLY A 171 13.60 -4.29 -5.13
C GLY A 171 14.81 -4.30 -6.05
N GLU A 172 15.71 -5.24 -5.78
CA GLU A 172 16.98 -5.30 -6.48
C GLU A 172 16.77 -5.44 -7.99
N ASP A 173 15.77 -6.20 -8.40
CA ASP A 173 15.54 -6.44 -9.82
C ASP A 173 14.62 -5.41 -10.46
N GLY A 174 14.32 -4.32 -9.76
CA GLY A 174 13.46 -3.28 -10.29
C GLY A 174 11.96 -3.49 -10.12
N HIS A 175 11.54 -4.62 -9.57
CA HIS A 175 10.12 -4.90 -9.37
C HIS A 175 9.65 -4.45 -7.98
N ILE A 176 8.34 -4.25 -7.88
CA ILE A 176 7.65 -3.70 -6.71
C ILE A 176 7.37 -4.81 -5.71
N LYS A 177 7.52 -4.48 -4.42
CA LYS A 177 6.99 -5.29 -3.35
C LYS A 177 6.05 -4.42 -2.52
N ILE A 178 4.87 -4.94 -2.22
CA ILE A 178 3.90 -4.25 -1.38
C ILE A 178 4.35 -4.33 0.07
N ALA A 179 4.37 -3.18 0.76
CA ALA A 179 4.84 -3.05 2.13
C ALA A 179 3.76 -2.47 3.05
N ASP A 180 4.07 -2.50 4.34
CA ASP A 180 3.30 -1.89 5.42
C ASP A 180 1.90 -2.45 5.56
N PHE A 181 1.79 -3.61 6.16
CA PHE A 181 0.52 -4.25 6.47
C PHE A 181 -0.04 -3.81 7.81
N GLY A 182 0.35 -2.61 8.29
CA GLY A 182 -0.01 -2.15 9.62
C GLY A 182 -1.49 -2.03 9.88
N VAL A 183 -2.31 -1.83 8.85
CA VAL A 183 -3.75 -1.78 9.07
C VAL A 183 -4.48 -2.81 8.23
N SER A 184 -3.78 -3.82 7.72
CA SER A 184 -4.40 -4.82 6.87
C SER A 184 -5.36 -5.68 7.66
N ASN A 185 -6.36 -6.25 6.97
CA ASN A 185 -7.37 -7.11 7.58
C ASN A 185 -7.30 -8.52 6.98
N GLU A 186 -7.53 -9.53 7.82
CA GLU A 186 -7.73 -10.89 7.36
C GLU A 186 -9.22 -11.19 7.42
N PHE A 187 -9.73 -11.96 6.45
CA PHE A 187 -11.13 -12.32 6.43
C PHE A 187 -11.32 -13.81 6.18
N LYS A 188 -12.50 -14.28 6.52
CA LYS A 188 -12.94 -15.61 6.16
C LYS A 188 -13.99 -15.48 5.06
N GLY A 189 -14.16 -16.52 4.27
CA GLY A 189 -15.10 -16.41 3.17
C GLY A 189 -14.47 -15.69 2.00
N SER A 190 -15.31 -15.21 1.10
CA SER A 190 -14.80 -14.72 -0.18
C SER A 190 -14.51 -13.22 -0.20
N ASP A 191 -14.89 -12.48 0.84
CA ASP A 191 -14.53 -11.07 0.93
C ASP A 191 -14.67 -10.65 2.40
N ALA A 192 -14.05 -9.53 2.74
CA ALA A 192 -14.18 -8.95 4.07
C ALA A 192 -15.39 -8.04 4.10
N LEU A 193 -16.12 -8.07 5.21
CA LEU A 193 -17.25 -7.17 5.44
C LEU A 193 -16.86 -6.28 6.60
N LEU A 194 -16.56 -5.02 6.31
CA LEU A 194 -15.85 -4.15 7.24
C LEU A 194 -16.69 -2.94 7.61
N SER A 195 -16.30 -2.30 8.71
CA SER A 195 -16.95 -1.07 9.13
C SER A 195 -15.97 -0.01 9.62
N ASN A 196 -14.68 -0.30 9.75
CA ASN A 196 -13.74 0.63 10.34
C ASN A 196 -13.04 1.43 9.25
N THR A 197 -12.68 2.66 9.57
CA THR A 197 -12.03 3.58 8.64
C THR A 197 -10.56 3.68 9.03
N VAL A 198 -9.67 3.14 8.18
CA VAL A 198 -8.23 3.15 8.42
C VAL A 198 -7.51 3.42 7.10
N GLY A 199 -6.23 3.71 7.19
CA GLY A 199 -5.41 3.91 6.01
C GLY A 199 -4.98 5.34 5.84
N THR A 200 -4.67 5.70 4.59
CA THR A 200 -4.18 7.04 4.29
C THR A 200 -5.31 7.86 3.68
N PRO A 201 -5.68 9.01 4.27
CA PRO A 201 -6.95 9.66 3.87
C PRO A 201 -7.13 9.87 2.37
N ALA A 202 -6.10 10.34 1.66
CA ALA A 202 -6.30 10.61 0.25
C ALA A 202 -6.57 9.35 -0.56
N PHE A 203 -6.28 8.17 0.01
CA PHE A 203 -6.46 6.92 -0.70
C PHE A 203 -7.69 6.15 -0.23
N MET A 204 -8.44 6.69 0.72
CA MET A 204 -9.58 5.96 1.26
C MET A 204 -10.76 5.98 0.31
N ALA A 205 -11.41 4.83 0.17
CA ALA A 205 -12.55 4.73 -0.74
C ALA A 205 -13.78 5.43 -0.14
N PRO A 206 -14.65 5.98 -0.99
CA PRO A 206 -15.77 6.77 -0.48
C PRO A 206 -16.74 5.98 0.39
N GLU A 207 -16.92 4.68 0.13
CA GLU A 207 -17.82 3.89 0.95
C GLU A 207 -17.27 3.64 2.35
N SER A 208 -15.98 3.91 2.58
CA SER A 208 -15.42 3.81 3.93
C SER A 208 -15.59 5.11 4.70
N LEU A 209 -16.22 6.11 4.10
CA LEU A 209 -16.32 7.44 4.71
C LEU A 209 -17.75 7.79 5.09
N SER A 210 -18.61 6.80 5.27
CA SER A 210 -19.89 7.11 5.88
C SER A 210 -19.65 7.40 7.35
N GLU A 211 -20.49 8.27 7.91
CA GLU A 211 -20.41 8.52 9.34
C GLU A 211 -21.52 7.80 10.10
N THR A 212 -21.91 6.62 9.62
CA THR A 212 -22.97 5.82 10.22
C THR A 212 -22.56 4.37 10.44
N ARG A 213 -21.26 4.06 10.33
CA ARG A 213 -20.75 2.70 10.56
C ARG A 213 -21.37 1.68 9.60
N LYS A 214 -21.71 2.12 8.39
CA LYS A 214 -22.20 1.18 7.38
C LYS A 214 -21.16 0.12 7.08
N ILE A 215 -21.65 -1.05 6.64
CA ILE A 215 -20.80 -2.16 6.24
C ILE A 215 -20.40 -1.99 4.78
N PHE A 216 -19.11 -2.17 4.48
CA PHE A 216 -18.60 -2.13 3.12
C PHE A 216 -17.66 -3.31 2.92
N SER A 217 -17.50 -3.71 1.66
CA SER A 217 -16.71 -4.89 1.36
C SER A 217 -15.25 -4.51 1.09
N GLY A 218 -14.36 -5.47 1.30
CA GLY A 218 -12.95 -5.15 1.42
C GLY A 218 -12.17 -5.08 0.12
N LYS A 219 -12.38 -6.04 -0.78
CA LYS A 219 -11.55 -6.09 -1.99
C LYS A 219 -11.68 -4.80 -2.80
N ALA A 220 -12.88 -4.23 -2.86
CA ALA A 220 -13.08 -3.02 -3.67
C ALA A 220 -12.37 -1.83 -3.06
N LEU A 221 -12.12 -1.84 -1.74
CA LEU A 221 -11.31 -0.79 -1.11
C LEU A 221 -9.90 -0.78 -1.66
N ASP A 222 -9.29 -1.97 -1.78
CA ASP A 222 -7.95 -2.03 -2.36
C ASP A 222 -7.97 -1.60 -3.83
N VAL A 223 -9.02 -1.97 -4.58
CA VAL A 223 -9.10 -1.53 -5.98
C VAL A 223 -9.13 -0.01 -6.07
N TRP A 224 -9.96 0.64 -5.24
CA TRP A 224 -10.00 2.11 -5.23
C TRP A 224 -8.60 2.67 -4.99
N ALA A 225 -7.91 2.15 -3.96
CA ALA A 225 -6.58 2.66 -3.67
C ALA A 225 -5.61 2.38 -4.79
N MET A 226 -5.77 1.25 -5.50
CA MET A 226 -4.95 1.02 -6.70
C MET A 226 -5.25 2.05 -7.78
N GLY A 227 -6.50 2.52 -7.86
CA GLY A 227 -6.83 3.56 -8.82
C GLY A 227 -6.21 4.90 -8.45
N VAL A 228 -6.26 5.26 -7.18
CA VAL A 228 -5.60 6.49 -6.76
C VAL A 228 -4.09 6.39 -7.02
N THR A 229 -3.52 5.21 -6.76
CA THR A 229 -2.09 4.97 -6.96
C THR A 229 -1.72 5.13 -8.43
N LEU A 230 -2.50 4.54 -9.33
CA LEU A 230 -2.19 4.63 -10.76
C LEU A 230 -2.32 6.06 -11.26
N TYR A 231 -3.34 6.78 -10.78
CA TYR A 231 -3.45 8.21 -11.06
C TYR A 231 -2.19 8.94 -10.60
N CYS A 232 -1.73 8.67 -9.37
CA CYS A 232 -0.50 9.27 -8.87
C CYS A 232 0.71 8.93 -9.75
N PHE A 233 0.80 7.67 -10.21
CA PHE A 233 1.92 7.26 -11.07
C PHE A 233 2.11 8.23 -12.23
N VAL A 234 1.03 8.55 -12.93
CA VAL A 234 1.18 9.29 -14.18
C VAL A 234 0.94 10.79 -14.03
N PHE A 235 0.33 11.24 -12.94
CA PHE A 235 0.10 12.66 -12.76
C PHE A 235 0.94 13.28 -11.64
N GLY A 236 1.54 12.47 -10.78
CA GLY A 236 2.38 13.00 -9.72
C GLY A 236 1.63 13.60 -8.55
N GLN A 237 0.30 13.48 -8.54
CA GLN A 237 -0.46 14.02 -7.42
C GLN A 237 -1.76 13.23 -7.32
N CYS A 238 -2.41 13.31 -6.17
CA CYS A 238 -3.65 12.59 -5.92
C CYS A 238 -4.81 13.23 -6.68
N PRO A 239 -5.84 12.44 -7.01
CA PRO A 239 -6.97 12.99 -7.79
C PRO A 239 -7.90 13.84 -6.95
N PHE A 240 -7.98 13.57 -5.65
CA PHE A 240 -8.79 14.37 -4.73
C PHE A 240 -7.87 14.94 -3.66
N MET A 241 -7.85 16.25 -3.53
CA MET A 241 -6.91 16.93 -2.64
C MET A 241 -7.60 18.06 -1.91
N ASP A 242 -7.34 18.14 -0.62
CA ASP A 242 -7.72 19.30 0.17
C ASP A 242 -7.00 19.20 1.51
N GLU A 243 -6.48 20.33 1.99
CA GLU A 243 -5.87 20.37 3.31
C GLU A 243 -6.89 20.25 4.43
N ARG A 244 -8.17 20.48 4.15
CA ARG A 244 -9.22 20.38 5.15
C ARG A 244 -9.83 18.98 5.08
N ILE A 245 -9.67 18.19 6.15
CA ILE A 245 -10.04 16.78 6.07
C ILE A 245 -11.53 16.62 5.74
N MET A 246 -12.37 17.51 6.23
CA MET A 246 -13.79 17.47 5.90
C MET A 246 -14.00 17.63 4.39
N LEU A 248 -11.73 17.10 2.06
CA LEU A 248 -11.13 15.98 1.34
C LEU A 248 -12.13 14.79 1.30
N HIS A 249 -12.72 14.47 2.44
CA HIS A 249 -13.75 13.43 2.47
C HIS A 249 -14.87 13.74 1.49
N SER A 250 -15.33 15.00 1.46
CA SER A 250 -16.42 15.38 0.57
C SER A 250 -16.04 15.24 -0.89
N LYS A 251 -14.78 15.54 -1.24
CA LYS A 251 -14.38 15.39 -2.64
C LYS A 251 -14.30 13.92 -3.04
N ILE A 252 -13.68 13.10 -2.20
CA ILE A 252 -13.65 11.65 -2.44
C ILE A 252 -15.06 11.13 -2.65
N LYS A 253 -16.00 11.55 -1.81
CA LYS A 253 -17.36 11.02 -1.91
C LYS A 253 -18.15 11.63 -3.05
N SER A 254 -17.91 12.89 -3.42
CA SER A 254 -18.85 13.58 -4.29
C SER A 254 -18.25 14.35 -5.45
N GLN A 255 -16.94 14.50 -5.55
CA GLN A 255 -16.36 15.28 -6.63
C GLN A 255 -16.08 14.34 -7.79
N ALA A 256 -16.59 14.68 -8.98
CA ALA A 256 -16.31 13.84 -10.14
C ALA A 256 -14.81 13.88 -10.45
N LEU A 257 -14.27 12.72 -10.83
CA LEU A 257 -12.89 12.64 -11.27
C LEU A 257 -12.65 13.55 -12.47
N GLU A 258 -11.52 14.25 -12.45
CA GLU A 258 -11.12 15.12 -13.55
C GLU A 258 -9.68 14.81 -13.95
N PHE A 259 -9.45 14.65 -15.25
CA PHE A 259 -8.04 14.48 -15.55
C PHE A 259 -7.41 15.82 -15.94
N PRO A 260 -6.20 16.09 -15.49
CA PRO A 260 -5.51 17.31 -15.93
C PRO A 260 -5.27 17.29 -17.42
N ASP A 261 -5.20 18.48 -18.02
CA ASP A 261 -4.86 18.58 -19.44
C ASP A 261 -3.47 18.03 -19.72
N GLN A 262 -2.54 18.21 -18.78
CA GLN A 262 -1.17 17.78 -18.93
C GLN A 262 -0.74 16.97 -17.71
N PRO A 263 0.01 15.88 -17.92
CA PRO A 263 0.35 15.32 -19.23
C PRO A 263 -0.84 14.62 -19.89
N ASP A 264 -0.80 14.50 -21.21
CA ASP A 264 -1.89 13.90 -21.98
C ASP A 264 -1.69 12.39 -21.99
N ILE A 265 -2.57 11.67 -21.32
CA ILE A 265 -2.45 10.23 -21.19
C ILE A 265 -3.42 9.55 -22.16
N ALA A 266 -3.16 8.27 -22.43
CA ALA A 266 -3.96 7.52 -23.38
C ALA A 266 -5.40 7.35 -22.89
N GLU A 267 -6.33 7.26 -23.85
CA GLU A 267 -7.74 7.11 -23.50
C GLU A 267 -8.01 5.80 -22.78
N ASP A 268 -7.27 4.73 -23.12
CA ASP A 268 -7.56 3.49 -22.41
C ASP A 268 -7.07 3.56 -20.97
N LEU A 269 -5.98 4.28 -20.71
CA LEU A 269 -5.57 4.51 -19.32
C LEU A 269 -6.61 5.33 -18.57
N LYS A 270 -7.16 6.36 -19.21
CA LYS A 270 -8.24 7.11 -18.57
C LYS A 270 -9.43 6.21 -18.27
N ASP A 271 -9.80 5.33 -19.20
CA ASP A 271 -10.88 4.39 -18.94
C ASP A 271 -10.59 3.54 -17.72
N LEU A 272 -9.37 3.00 -17.63
CA LEU A 272 -9.04 2.11 -16.51
C LEU A 272 -9.11 2.86 -15.18
N ILE A 273 -8.53 4.05 -15.11
CA ILE A 273 -8.57 4.81 -13.85
C ILE A 273 -9.99 5.16 -13.48
N THR A 274 -10.79 5.61 -14.45
CA THR A 274 -12.19 5.93 -14.22
C THR A 274 -12.94 4.74 -13.62
N ARG A 275 -12.69 3.54 -14.14
CA ARG A 275 -13.38 2.34 -13.63
C ARG A 275 -12.93 2.01 -12.22
N MET A 276 -11.63 2.16 -11.92
CA MET A 276 -11.17 1.87 -10.57
C MET A 276 -11.65 2.91 -9.56
N LEU A 277 -11.90 4.14 -10.02
CA LEU A 277 -12.38 5.23 -9.17
C LEU A 277 -13.87 5.45 -9.33
N ASP A 278 -14.60 4.41 -9.71
CA ASP A 278 -16.06 4.40 -9.62
C ASP A 278 -16.44 4.56 -8.16
N LYS A 279 -17.18 5.62 -7.85
CA LYS A 279 -17.56 5.84 -6.47
C LYS A 279 -18.50 4.75 -5.94
N ASN A 280 -19.14 4.00 -6.83
CA ASN A 280 -20.04 2.93 -6.41
C ASN A 280 -19.29 1.60 -6.36
N PRO A 281 -19.04 1.03 -5.17
CA PRO A 281 -18.30 -0.25 -5.13
C PRO A 281 -19.03 -1.38 -5.83
N GLU A 282 -20.35 -1.30 -5.97
CA GLU A 282 -21.07 -2.37 -6.65
C GLU A 282 -20.70 -2.47 -8.14
N SER A 283 -20.37 -1.35 -8.78
CA SER A 283 -20.02 -1.36 -10.20
C SER A 283 -18.54 -1.11 -10.45
N ARG A 284 -17.74 -0.85 -9.42
CA ARG A 284 -16.30 -0.66 -9.61
C ARG A 284 -15.68 -1.90 -10.22
N ILE A 285 -14.68 -1.68 -11.09
CA ILE A 285 -14.01 -2.79 -11.75
C ILE A 285 -13.36 -3.70 -10.70
N VAL A 286 -13.34 -5.00 -10.98
CA VAL A 286 -12.75 -5.96 -10.07
C VAL A 286 -11.38 -6.36 -10.59
N VAL A 287 -10.56 -6.93 -9.70
CA VAL A 287 -9.19 -7.28 -10.09
C VAL A 287 -9.16 -8.24 -11.26
N PRO A 288 -10.01 -9.28 -11.33
CA PRO A 288 -9.97 -10.16 -12.52
C PRO A 288 -10.21 -9.41 -13.82
N GLU A 289 -10.90 -8.27 -13.77
CA GLU A 289 -11.12 -7.45 -14.96
C GLU A 289 -9.95 -6.49 -15.20
N ILE A 290 -9.38 -5.94 -14.13
CA ILE A 290 -8.20 -5.08 -14.27
C ILE A 290 -7.12 -5.83 -15.03
N LYS A 291 -6.90 -7.11 -14.66
CA LYS A 291 -5.90 -7.96 -15.32
C LYS A 291 -6.08 -8.01 -16.82
N LEU A 292 -7.31 -7.88 -17.30
CA LEU A 292 -7.63 -8.02 -18.71
C LEU A 292 -7.70 -6.68 -19.43
N HIS A 293 -7.65 -5.58 -18.69
CA HIS A 293 -7.94 -4.28 -19.29
C HIS A 293 -6.95 -3.98 -20.40
N PRO A 294 -7.41 -3.44 -21.53
CA PRO A 294 -6.51 -3.26 -22.68
C PRO A 294 -5.29 -2.38 -22.37
N TRP A 295 -5.39 -1.43 -21.45
CA TRP A 295 -4.18 -0.67 -21.12
C TRP A 295 -3.15 -1.55 -20.42
N VAL A 296 -3.62 -2.50 -19.62
CA VAL A 296 -2.73 -3.35 -18.84
C VAL A 296 -2.01 -4.36 -19.73
N THR A 297 -2.69 -4.83 -20.78
CA THR A 297 -2.16 -5.94 -21.56
C THR A 297 -1.39 -5.52 -22.81
N ARG A 298 -1.31 -4.22 -23.11
CA ARG A 298 -0.55 -3.82 -24.30
C ARG A 298 0.87 -3.38 -23.95
#